data_4DJ3
#
_entry.id   4DJ3
#
_cell.length_a   62.650
_cell.length_b   78.640
_cell.length_c   67.170
_cell.angle_alpha   90.00
_cell.angle_beta   97.63
_cell.angle_gamma   90.00
#
_symmetry.space_group_name_H-M   'P 1 21 1'
#
loop_
_entity.id
_entity.type
_entity.pdbx_description
1 polymer 'Period circadian protein homolog 3'
2 water water
#
_entity_poly.entity_id   1
_entity_poly.type   'polypeptide(L)'
_entity_poly.pdbx_seq_one_letter_code
;GPLGSPEFPGRLEDVTVYSLEDLTALASEHTSKNTDTFAAVFSFLSGRLVHISEQAALILNSKRGFLKSVHFVDLLAPQD
VRAFYAHTAPTQLPFWNNWTQRASQYECAPAKPFFCRICGGGDREKRHYSPFRILPYLVHVHSSAQPEPEPCCLTLVEKI
HSGYEAPRIPVDKRIFTTTHTPGCVFLEVDERAVPLLGYLPQDLIGTSILTYLHPEDRPLMVAIHQKVLKYAGHPPFEHS
PVRFCTQNGEYVILDSSWSSFVNPWSRKVSFIIGRHKVRTSPLNEDVFATRIKKAASNDKDIAELQEQIHKLLLQPV
;
_entity_poly.pdbx_strand_id   A,B
#
# COMPACT_ATOMS: atom_id res chain seq x y z
N GLY A 10 -8.26 -10.77 -24.78
CA GLY A 10 -7.46 -11.84 -24.13
C GLY A 10 -8.32 -12.88 -23.43
N ARG A 11 -8.24 -14.13 -23.91
CA ARG A 11 -9.12 -15.27 -23.52
C ARG A 11 -9.74 -15.20 -22.12
N LEU A 12 -10.89 -14.52 -22.03
CA LEU A 12 -11.49 -14.18 -20.74
C LEU A 12 -12.72 -15.00 -20.35
N GLU A 13 -12.79 -15.33 -19.06
CA GLU A 13 -13.95 -15.98 -18.47
C GLU A 13 -15.08 -14.97 -18.26
N ASP A 14 -16.29 -15.49 -18.04
CA ASP A 14 -17.51 -14.67 -17.98
C ASP A 14 -17.46 -13.61 -16.86
N VAL A 15 -18.24 -12.55 -17.02
CA VAL A 15 -18.25 -11.43 -16.07
C VAL A 15 -19.27 -11.54 -14.92
N THR A 16 -20.53 -11.82 -15.27
CA THR A 16 -21.70 -11.65 -14.40
C THR A 16 -22.07 -10.17 -14.34
N VAL A 17 -22.92 -9.73 -15.25
CA VAL A 17 -23.32 -8.32 -15.29
C VAL A 17 -24.69 -8.15 -14.61
N TYR A 18 -24.94 -6.97 -14.02
CA TYR A 18 -26.01 -6.82 -13.01
C TYR A 18 -27.28 -6.05 -13.39
N SER A 19 -27.13 -4.79 -13.82
CA SER A 19 -28.26 -3.85 -14.01
C SER A 19 -28.83 -3.23 -12.69
N LEU A 20 -29.39 -2.04 -12.87
CA LEU A 20 -29.85 -1.14 -11.82
C LEU A 20 -30.83 -1.73 -10.81
N GLU A 21 -31.64 -2.70 -11.23
CA GLU A 21 -32.71 -3.22 -10.41
C GLU A 21 -32.21 -4.41 -9.63
N ASP A 22 -31.14 -5.00 -10.13
CA ASP A 22 -30.46 -6.05 -9.40
C ASP A 22 -29.72 -5.45 -8.21
N LEU A 23 -29.39 -4.16 -8.30
CA LEU A 23 -28.52 -3.54 -7.32
C LEU A 23 -29.25 -3.23 -5.99
N THR A 24 -30.56 -3.31 -6.05
CA THR A 24 -31.41 -3.01 -4.93
C THR A 24 -31.24 -4.08 -3.86
N ALA A 25 -30.90 -5.30 -4.29
CA ALA A 25 -30.90 -6.46 -3.39
C ALA A 25 -29.51 -7.04 -3.17
N LEU A 26 -28.52 -6.37 -3.76
CA LEU A 26 -27.20 -6.95 -4.06
C LEU A 26 -26.49 -7.45 -2.83
N ALA A 27 -26.51 -6.67 -1.76
CA ALA A 27 -25.91 -7.13 -0.53
C ALA A 27 -26.79 -6.80 0.67
N SER A 28 -28.09 -7.06 0.48
CA SER A 28 -29.10 -6.91 1.50
C SER A 28 -28.76 -7.66 2.80
N GLU A 29 -27.84 -8.62 2.72
CA GLU A 29 -27.35 -9.33 3.90
C GLU A 29 -26.49 -8.39 4.74
N HIS A 30 -25.69 -7.57 4.07
CA HIS A 30 -24.86 -6.60 4.77
C HIS A 30 -25.72 -5.42 5.23
N THR A 31 -26.68 -5.01 4.39
CA THR A 31 -27.50 -3.84 4.66
C THR A 31 -28.53 -4.12 5.76
N SER A 32 -28.83 -5.38 6.02
CA SER A 32 -29.73 -5.73 7.12
C SER A 32 -29.00 -6.00 8.39
N LYS A 33 -27.67 -6.03 8.36
CA LYS A 33 -26.89 -6.42 9.56
C LYS A 33 -27.35 -5.60 10.77
N ASN A 34 -27.42 -4.28 10.55
CA ASN A 34 -27.80 -3.30 11.56
C ASN A 34 -28.14 -1.97 10.88
N THR A 35 -28.29 -0.91 11.66
CA THR A 35 -28.66 0.38 11.13
C THR A 35 -27.47 1.26 10.85
N ASP A 36 -26.27 0.70 10.76
CA ASP A 36 -25.07 1.47 10.44
C ASP A 36 -24.48 1.08 9.10
N THR A 37 -25.13 0.20 8.34
CA THR A 37 -24.52 -0.34 7.15
C THR A 37 -25.18 0.18 5.86
N PHE A 38 -24.37 0.46 4.86
CA PHE A 38 -24.94 0.69 3.59
C PHE A 38 -24.04 0.10 2.53
N ALA A 39 -24.53 0.10 1.30
CA ALA A 39 -23.83 -0.40 0.16
C ALA A 39 -23.85 0.70 -0.86
N ALA A 40 -22.72 1.00 -1.45
CA ALA A 40 -22.63 1.93 -2.55
C ALA A 40 -21.96 1.22 -3.73
N VAL A 41 -22.38 1.56 -4.95
CA VAL A 41 -21.76 1.09 -6.18
C VAL A 41 -21.44 2.34 -6.99
N PHE A 42 -20.18 2.54 -7.34
CA PHE A 42 -19.79 3.70 -8.13
C PHE A 42 -18.98 3.30 -9.36
N SER A 43 -19.05 4.09 -10.42
CA SER A 43 -18.43 3.68 -11.68
C SER A 43 -16.93 4.04 -11.72
N PHE A 44 -16.10 3.07 -12.10
CA PHE A 44 -14.65 3.32 -12.33
C PHE A 44 -14.40 4.39 -13.41
N LEU A 45 -15.33 4.50 -14.36
CA LEU A 45 -15.27 5.52 -15.40
C LEU A 45 -15.40 6.94 -14.80
N SER A 46 -16.57 7.26 -14.24
CA SER A 46 -16.90 8.64 -13.82
C SER A 46 -16.76 9.01 -12.31
N GLY A 47 -16.71 8.03 -11.42
CA GLY A 47 -16.62 8.30 -9.98
C GLY A 47 -17.95 8.64 -9.33
N ARG A 48 -19.00 8.63 -10.16
CA ARG A 48 -20.37 8.87 -9.72
C ARG A 48 -21.02 7.62 -9.16
N LEU A 49 -22.01 7.86 -8.31
CA LEU A 49 -22.77 6.77 -7.67
C LEU A 49 -23.82 6.21 -8.58
N VAL A 50 -23.77 4.91 -8.80
CA VAL A 50 -24.75 4.28 -9.64
C VAL A 50 -25.90 3.78 -8.77
N HIS A 51 -25.52 3.25 -7.61
CA HIS A 51 -26.51 2.84 -6.60
C HIS A 51 -25.99 3.07 -5.20
N ILE A 52 -26.83 3.62 -4.34
CA ILE A 52 -26.51 3.71 -2.93
C ILE A 52 -27.78 3.37 -2.10
N SER A 53 -27.62 2.72 -0.96
CA SER A 53 -28.79 2.26 -0.20
C SER A 53 -29.66 3.41 0.30
N GLU A 54 -30.98 3.21 0.28
CA GLU A 54 -31.93 4.19 0.86
C GLU A 54 -31.51 4.73 2.26
N GLN A 55 -30.97 3.85 3.11
CA GLN A 55 -30.50 4.28 4.46
C GLN A 55 -29.23 5.10 4.51
N ALA A 56 -28.55 5.25 3.38
CA ALA A 56 -27.33 6.02 3.40
C ALA A 56 -27.59 7.49 3.68
N ALA A 57 -28.75 8.04 3.28
CA ALA A 57 -29.03 9.47 3.61
C ALA A 57 -29.17 9.69 5.11
N LEU A 58 -29.77 8.72 5.79
CA LEU A 58 -29.88 8.76 7.24
C LEU A 58 -28.49 8.66 7.90
N ILE A 59 -27.70 7.66 7.46
CA ILE A 59 -26.40 7.31 8.02
C ILE A 59 -25.33 8.39 7.79
N LEU A 60 -25.31 8.98 6.58
CA LEU A 60 -24.44 10.13 6.32
C LEU A 60 -25.02 11.47 6.77
N ASN A 61 -26.24 11.49 7.32
CA ASN A 61 -26.99 12.75 7.49
C ASN A 61 -26.89 13.61 6.20
N SER A 62 -27.51 13.12 5.14
CA SER A 62 -27.39 13.71 3.82
C SER A 62 -28.75 13.69 3.13
N LYS A 63 -28.82 14.03 1.84
CA LYS A 63 -30.11 13.98 1.15
C LYS A 63 -30.08 13.06 -0.05
N ARG A 64 -31.08 12.20 -0.19
CA ARG A 64 -31.19 11.30 -1.36
C ARG A 64 -30.94 11.95 -2.76
N GLY A 65 -31.39 13.18 -2.95
CA GLY A 65 -31.18 13.82 -4.24
C GLY A 65 -29.71 14.10 -4.39
N PHE A 66 -29.18 14.83 -3.41
CA PHE A 66 -27.79 15.28 -3.42
C PHE A 66 -26.81 14.14 -3.78
N LEU A 67 -27.10 12.93 -3.29
CA LEU A 67 -26.22 11.74 -3.38
C LEU A 67 -26.26 11.03 -4.71
N LYS A 68 -27.40 10.97 -5.36
CA LYS A 68 -27.47 10.38 -6.71
C LYS A 68 -26.61 11.17 -7.76
N SER A 69 -26.08 12.33 -7.35
CA SER A 69 -25.34 13.26 -8.23
C SER A 69 -23.93 13.66 -7.75
N VAL A 70 -23.52 13.24 -6.57
CA VAL A 70 -22.12 13.44 -6.16
C VAL A 70 -21.18 12.41 -6.80
N HIS A 71 -19.92 12.75 -6.95
CA HIS A 71 -18.87 11.71 -7.02
C HIS A 71 -18.61 11.24 -5.61
N PHE A 72 -18.64 9.93 -5.41
CA PHE A 72 -18.27 9.36 -4.12
C PHE A 72 -17.08 10.07 -3.38
N VAL A 73 -15.92 10.20 -4.04
CA VAL A 73 -14.74 10.84 -3.47
C VAL A 73 -14.97 12.21 -2.80
N ASP A 74 -15.92 12.97 -3.35
CA ASP A 74 -16.24 14.29 -2.80
C ASP A 74 -16.80 14.15 -1.37
N LEU A 75 -17.29 12.96 -1.02
CA LEU A 75 -17.76 12.72 0.35
C LEU A 75 -16.66 12.43 1.37
N LEU A 76 -15.50 12.04 0.85
CA LEU A 76 -14.39 11.57 1.63
C LEU A 76 -13.63 12.72 2.30
N ALA A 77 -13.21 12.52 3.55
CA ALA A 77 -12.27 13.43 4.18
C ALA A 77 -11.00 13.41 3.32
N PRO A 78 -10.47 14.60 2.97
CA PRO A 78 -9.31 14.74 2.07
C PRO A 78 -8.06 13.94 2.49
N GLN A 79 -7.87 13.75 3.80
CA GLN A 79 -6.76 12.91 4.30
C GLN A 79 -6.87 11.51 3.77
N ASP A 80 -8.07 11.10 3.37
CA ASP A 80 -8.38 9.69 3.11
C ASP A 80 -8.49 9.36 1.65
N VAL A 81 -8.37 10.35 0.78
CA VAL A 81 -8.63 10.19 -0.64
C VAL A 81 -7.58 9.24 -1.24
N ARG A 82 -6.33 9.40 -0.80
CA ARG A 82 -5.23 8.55 -1.25
C ARG A 82 -5.42 7.10 -0.86
N ALA A 83 -5.91 6.81 0.35
CA ALA A 83 -6.14 5.41 0.70
C ALA A 83 -7.34 4.90 -0.10
N PHE A 84 -8.31 5.77 -0.34
CA PHE A 84 -9.46 5.36 -1.11
C PHE A 84 -9.03 4.84 -2.50
N TYR A 85 -8.28 5.67 -3.24
CA TYR A 85 -7.83 5.32 -4.60
C TYR A 85 -6.95 4.08 -4.61
N ALA A 86 -6.09 3.96 -3.61
CA ALA A 86 -5.22 2.80 -3.48
C ALA A 86 -6.02 1.54 -3.22
N HIS A 87 -6.93 1.57 -2.23
CA HIS A 87 -7.67 0.34 -1.82
C HIS A 87 -8.78 -0.09 -2.76
N THR A 88 -9.14 0.78 -3.71
CA THR A 88 -10.20 0.44 -4.65
C THR A 88 -9.72 0.26 -6.08
N ALA A 89 -8.43 0.15 -6.31
CA ALA A 89 -7.94 -0.02 -7.68
C ALA A 89 -8.59 -1.24 -8.31
N PRO A 90 -9.22 -1.08 -9.49
CA PRO A 90 -10.08 -2.07 -10.17
C PRO A 90 -9.36 -3.36 -10.54
N THR A 91 -8.15 -3.50 -10.02
CA THR A 91 -7.22 -4.56 -10.39
C THR A 91 -6.88 -5.44 -9.18
N GLN A 92 -7.05 -4.92 -7.97
CA GLN A 92 -6.85 -5.73 -6.77
C GLN A 92 -8.17 -6.36 -6.35
N LEU A 93 -9.25 -5.91 -6.97
CA LEU A 93 -10.55 -6.22 -6.47
C LEU A 93 -11.04 -7.63 -6.76
N PRO A 94 -11.39 -8.39 -5.70
CA PRO A 94 -12.24 -9.58 -5.80
C PRO A 94 -13.56 -9.24 -6.47
N PHE A 95 -14.26 -10.24 -7.00
CA PHE A 95 -15.43 -10.02 -7.86
C PHE A 95 -16.75 -9.77 -7.12
N TRP A 96 -16.99 -10.58 -6.10
CA TRP A 96 -18.19 -10.45 -5.27
C TRP A 96 -18.86 -11.80 -5.01
N ASN A 97 -18.36 -12.47 -3.97
CA ASN A 97 -19.04 -13.58 -3.28
C ASN A 97 -18.65 -13.55 -1.78
N CYS A 108 -12.01 -18.87 -2.01
CA CYS A 108 -10.72 -18.22 -2.21
C CYS A 108 -10.66 -16.87 -1.49
N ALA A 109 -9.46 -16.56 -0.97
CA ALA A 109 -9.21 -15.35 -0.19
C ALA A 109 -9.50 -14.05 -0.98
N PRO A 110 -10.35 -13.21 -0.38
CA PRO A 110 -11.02 -12.14 -1.12
C PRO A 110 -11.78 -11.20 -0.19
N ALA A 111 -11.34 -9.94 -0.16
CA ALA A 111 -12.00 -8.85 0.57
C ALA A 111 -11.19 -8.30 1.75
N LYS A 112 -10.50 -7.19 1.49
CA LYS A 112 -9.56 -6.54 2.41
C LYS A 112 -10.11 -5.17 2.89
N PRO A 113 -10.42 -5.06 4.20
CA PRO A 113 -11.00 -3.79 4.72
C PRO A 113 -10.07 -2.57 4.70
N PHE A 114 -10.57 -1.42 4.27
CA PHE A 114 -9.97 -0.14 4.60
C PHE A 114 -10.94 0.79 5.37
N PHE A 115 -10.46 2.00 5.69
CA PHE A 115 -11.18 2.95 6.49
C PHE A 115 -11.19 4.36 5.85
N CYS A 116 -12.27 5.11 6.05
CA CYS A 116 -12.39 6.52 5.60
C CYS A 116 -13.29 7.27 6.53
N ARG A 117 -13.12 8.59 6.60
CA ARG A 117 -14.17 9.42 7.21
C ARG A 117 -15.05 9.93 6.08
N ILE A 118 -16.35 9.94 6.26
CA ILE A 118 -17.22 10.31 5.17
C ILE A 118 -18.27 11.25 5.70
N CYS A 119 -18.51 12.37 5.03
CA CYS A 119 -19.54 13.22 5.50
C CYS A 119 -20.76 13.09 4.56
N GLY A 120 -21.85 13.75 4.93
CA GLY A 120 -23.05 13.77 4.13
C GLY A 120 -23.06 14.90 3.13
N GLY A 121 -21.90 15.48 2.89
CA GLY A 121 -21.75 16.54 1.91
C GLY A 121 -22.46 17.87 2.16
N GLY A 122 -22.73 18.21 3.41
CA GLY A 122 -23.38 19.49 3.78
C GLY A 122 -22.80 20.74 3.12
N ASP A 123 -22.40 21.74 3.94
CA ASP A 123 -21.94 23.04 3.42
C ASP A 123 -20.68 23.62 4.09
N ARG A 124 -19.71 22.76 4.36
CA ARG A 124 -18.41 23.11 4.99
C ARG A 124 -18.48 23.83 6.36
N GLU A 125 -19.55 23.53 7.08
CA GLU A 125 -19.80 24.14 8.36
C GLU A 125 -20.62 23.14 9.12
N LYS A 126 -21.67 22.68 8.48
CA LYS A 126 -22.50 21.60 9.01
C LYS A 126 -22.01 20.19 8.59
N ARG A 127 -20.84 20.13 7.93
CA ARG A 127 -20.25 18.85 7.48
C ARG A 127 -19.62 18.08 8.61
N HIS A 128 -20.25 16.98 9.00
CA HIS A 128 -19.70 16.15 10.04
C HIS A 128 -19.19 14.86 9.40
N TYR A 129 -17.92 14.51 9.68
CA TYR A 129 -17.32 13.25 9.15
C TYR A 129 -17.47 12.16 10.19
N SER A 130 -17.92 10.98 9.78
CA SER A 130 -17.80 9.80 10.65
C SER A 130 -16.85 8.82 9.99
N PRO A 131 -16.23 7.93 10.80
CA PRO A 131 -15.30 6.93 10.28
C PRO A 131 -16.10 5.78 9.78
N PHE A 132 -15.61 5.17 8.72
CA PHE A 132 -16.33 4.06 8.16
C PHE A 132 -15.33 3.03 7.85
N ARG A 133 -15.72 1.79 8.08
CA ARG A 133 -15.04 0.61 7.59
C ARG A 133 -15.61 0.15 6.22
N ILE A 134 -14.76 -0.09 5.23
CA ILE A 134 -15.20 -0.41 3.87
C ILE A 134 -14.61 -1.74 3.36
N LEU A 135 -15.48 -2.59 2.81
CA LEU A 135 -15.06 -3.78 2.02
C LEU A 135 -15.39 -3.56 0.50
N PRO A 136 -14.37 -3.51 -0.35
CA PRO A 136 -14.63 -3.20 -1.76
C PRO A 136 -14.60 -4.44 -2.66
N TYR A 137 -15.43 -4.42 -3.71
CA TYR A 137 -15.50 -5.51 -4.70
C TYR A 137 -15.70 -4.93 -6.05
N LEU A 138 -15.40 -5.71 -7.09
CA LEU A 138 -15.57 -5.24 -8.49
C LEU A 138 -16.87 -5.78 -9.07
N VAL A 139 -17.49 -5.00 -9.96
CA VAL A 139 -18.84 -5.27 -10.47
C VAL A 139 -19.04 -4.56 -11.83
N HIS A 140 -19.91 -5.09 -12.68
CA HIS A 140 -20.31 -4.40 -13.92
C HIS A 140 -21.82 -4.34 -14.02
N VAL A 141 -22.34 -3.41 -14.83
CA VAL A 141 -23.75 -2.99 -14.75
C VAL A 141 -24.55 -2.83 -16.07
N HIS A 142 -24.57 -1.65 -16.67
CA HIS A 142 -25.59 -1.33 -17.70
C HIS A 142 -25.35 -0.06 -18.51
N SER A 143 -25.64 -0.16 -19.82
CA SER A 143 -25.47 0.88 -20.88
C SER A 143 -24.56 0.32 -21.97
N SER A 144 -24.27 1.12 -23.00
CA SER A 144 -23.19 0.81 -23.95
C SER A 144 -22.44 2.04 -24.49
N ALA A 145 -21.15 2.12 -24.15
CA ALA A 145 -20.26 3.19 -24.59
C ALA A 145 -19.81 3.01 -26.05
N GLN A 146 -18.51 2.73 -26.20
CA GLN A 146 -17.90 2.39 -27.48
C GLN A 146 -17.64 0.89 -27.52
N PRO A 147 -17.73 0.25 -26.35
CA PRO A 147 -17.53 -1.20 -26.27
C PRO A 147 -18.46 -2.00 -25.34
N GLU A 148 -18.70 -1.54 -24.10
CA GLU A 148 -19.14 -2.48 -23.06
C GLU A 148 -19.99 -1.99 -21.83
N PRO A 149 -20.43 -2.94 -20.96
CA PRO A 149 -21.15 -2.66 -19.71
C PRO A 149 -20.34 -2.31 -18.44
N GLU A 150 -19.99 -1.04 -18.29
CA GLU A 150 -19.69 -0.37 -16.99
C GLU A 150 -18.97 -1.14 -15.87
N PRO A 151 -17.65 -0.84 -15.68
CA PRO A 151 -16.91 -1.39 -14.54
C PRO A 151 -17.19 -0.58 -13.26
N CYS A 152 -17.62 -1.28 -12.21
CA CYS A 152 -18.03 -0.62 -11.00
C CYS A 152 -17.41 -1.21 -9.75
N CYS A 153 -17.38 -0.41 -8.70
CA CYS A 153 -16.91 -0.85 -7.40
C CYS A 153 -18.11 -1.12 -6.49
N LEU A 154 -18.17 -2.31 -5.92
CA LEU A 154 -19.15 -2.52 -4.88
C LEU A 154 -18.49 -2.39 -3.50
N THR A 155 -19.04 -1.47 -2.75
CA THR A 155 -18.50 -1.00 -1.51
C THR A 155 -19.48 -1.35 -0.34
N LEU A 156 -19.09 -2.25 0.54
CA LEU A 156 -19.93 -2.45 1.74
C LEU A 156 -19.44 -1.55 2.89
N VAL A 157 -20.26 -0.58 3.33
CA VAL A 157 -19.80 0.46 4.24
C VAL A 157 -20.43 0.27 5.62
N GLU A 158 -19.66 0.52 6.67
CA GLU A 158 -20.23 0.43 8.03
C GLU A 158 -19.61 1.44 8.97
N LYS A 159 -20.49 2.25 9.56
CA LYS A 159 -20.12 3.22 10.58
C LYS A 159 -19.50 2.54 11.77
N ILE A 160 -18.32 3.02 12.18
CA ILE A 160 -17.72 2.46 13.38
C ILE A 160 -17.69 3.41 14.57
N HIS A 161 -17.60 2.79 15.73
CA HIS A 161 -17.65 3.51 16.98
C HIS A 161 -16.43 3.28 17.79
N SER A 162 -16.04 4.36 18.43
CA SER A 162 -15.07 4.38 19.50
C SER A 162 -15.20 3.16 20.37
N GLY A 163 -14.09 2.44 20.56
CA GLY A 163 -14.14 1.28 21.46
C GLY A 163 -14.47 1.57 22.93
N TYR A 164 -14.62 2.82 23.31
CA TYR A 164 -14.89 3.13 24.70
C TYR A 164 -16.34 3.53 24.98
N GLU A 165 -17.23 3.39 23.99
CA GLU A 165 -18.70 3.66 24.14
C GLU A 165 -19.55 2.40 24.13
N ALA A 166 -20.81 2.51 24.60
CA ALA A 166 -21.93 1.64 24.12
C ALA A 166 -21.62 0.19 24.34
N PRO A 167 -21.59 -0.65 23.27
CA PRO A 167 -20.89 -1.94 23.48
C PRO A 167 -19.64 -1.80 24.38
N ARG A 168 -18.53 -1.35 23.82
CA ARG A 168 -17.26 -1.17 24.55
C ARG A 168 -16.49 -2.45 24.48
N ILE A 169 -15.68 -2.58 23.42
CA ILE A 169 -14.62 -3.57 23.37
C ILE A 169 -14.20 -4.07 24.76
N PRO A 170 -14.31 -5.37 24.96
CA PRO A 170 -13.89 -5.77 26.29
C PRO A 170 -12.39 -5.56 26.52
N VAL A 171 -12.09 -5.17 27.75
CA VAL A 171 -10.71 -4.98 28.22
C VAL A 171 -9.64 -5.99 27.72
N ASP A 172 -9.90 -7.27 27.82
CA ASP A 172 -8.94 -8.26 27.32
C ASP A 172 -8.82 -8.35 25.79
N LYS A 173 -9.60 -7.54 25.06
CA LYS A 173 -9.60 -7.51 23.59
C LYS A 173 -9.03 -6.22 23.06
N ARG A 174 -8.74 -5.29 23.97
CA ARG A 174 -8.15 -4.00 23.59
C ARG A 174 -6.66 -4.13 23.29
N ILE A 175 -6.38 -4.86 22.22
CA ILE A 175 -5.03 -5.08 21.81
C ILE A 175 -4.90 -4.71 20.35
N PHE A 176 -3.71 -4.23 19.96
CA PHE A 176 -3.41 -4.03 18.58
C PHE A 176 -1.87 -4.06 18.36
N THR A 177 -1.50 -4.19 17.11
CA THR A 177 -0.21 -4.55 16.66
C THR A 177 0.26 -3.40 15.73
N THR A 178 1.55 -3.09 15.69
CA THR A 178 2.07 -2.08 14.75
C THR A 178 3.46 -2.50 14.40
N THR A 179 3.94 -2.02 13.25
CA THR A 179 5.33 -2.20 12.93
C THR A 179 5.93 -0.88 12.54
N HIS A 180 7.23 -0.72 12.79
CA HIS A 180 7.92 0.50 12.44
C HIS A 180 9.37 0.31 11.97
N THR A 181 9.82 1.21 11.11
CA THR A 181 11.16 1.13 10.49
C THR A 181 12.26 1.45 11.52
N PRO A 182 13.52 1.11 11.18
CA PRO A 182 14.57 1.57 12.06
C PRO A 182 14.62 3.09 12.24
N GLY A 183 13.90 3.83 11.40
CA GLY A 183 13.80 5.29 11.56
C GLY A 183 12.63 5.67 12.47
N CYS A 184 12.03 4.69 13.15
CA CYS A 184 10.88 4.90 14.03
C CYS A 184 9.63 5.40 13.29
N VAL A 185 9.56 5.15 11.97
CA VAL A 185 8.38 5.55 11.15
C VAL A 185 7.37 4.35 11.01
N PHE A 186 6.07 4.53 11.36
CA PHE A 186 5.12 3.40 11.30
C PHE A 186 5.03 2.80 9.89
N LEU A 187 5.14 1.48 9.74
CA LEU A 187 4.88 0.86 8.46
C LEU A 187 3.47 0.26 8.41
N GLU A 188 2.99 -0.23 9.54
CA GLU A 188 1.79 -1.01 9.48
C GLU A 188 1.02 -0.87 10.74
N VAL A 189 -0.29 -0.85 10.68
CA VAL A 189 -1.08 -0.83 11.89
C VAL A 189 -2.30 -1.71 11.69
N ASP A 190 -2.53 -2.68 12.57
CA ASP A 190 -3.63 -3.57 12.31
C ASP A 190 -4.92 -2.87 12.61
N GLU A 191 -6.01 -3.36 12.03
CA GLU A 191 -7.27 -2.62 12.08
C GLU A 191 -7.84 -2.40 13.50
N ARG A 192 -7.29 -3.10 14.48
CA ARG A 192 -7.87 -3.08 15.82
C ARG A 192 -7.60 -1.77 16.49
N ALA A 193 -6.55 -1.09 16.05
CA ALA A 193 -6.17 0.23 16.53
C ALA A 193 -7.23 1.33 16.36
N VAL A 194 -7.94 1.28 15.24
CA VAL A 194 -8.87 2.31 14.85
C VAL A 194 -9.90 2.64 15.94
N PRO A 195 -10.73 1.66 16.38
CA PRO A 195 -11.64 2.12 17.43
C PRO A 195 -10.92 2.35 18.74
N LEU A 196 -9.65 1.98 18.86
CA LEU A 196 -8.88 2.16 20.12
C LEU A 196 -8.13 3.50 20.21
N LEU A 197 -7.86 4.10 19.08
CA LEU A 197 -7.07 5.27 19.11
C LEU A 197 -7.77 6.40 18.42
N GLY A 198 -8.76 6.12 17.58
CA GLY A 198 -9.45 7.17 16.83
C GLY A 198 -8.75 7.67 15.56
N TYR A 199 -7.64 7.04 15.20
CA TYR A 199 -6.98 7.35 13.92
C TYR A 199 -7.24 6.23 12.94
N LEU A 200 -7.18 6.55 11.64
CA LEU A 200 -7.22 5.53 10.60
C LEU A 200 -5.77 5.11 10.29
N PRO A 201 -5.56 3.90 9.74
CA PRO A 201 -4.18 3.46 9.44
C PRO A 201 -3.38 4.49 8.62
N GLN A 202 -3.98 5.05 7.59
CA GLN A 202 -3.28 6.00 6.75
C GLN A 202 -2.81 7.20 7.54
N ASP A 203 -3.49 7.59 8.64
CA ASP A 203 -3.06 8.74 9.48
C ASP A 203 -1.72 8.41 10.11
N LEU A 204 -1.50 7.14 10.45
CA LEU A 204 -0.26 6.76 11.14
C LEU A 204 0.92 6.37 10.20
N ILE A 205 0.64 5.55 9.20
CA ILE A 205 1.65 5.08 8.26
C ILE A 205 2.42 6.28 7.78
N GLY A 206 3.72 6.20 7.83
CA GLY A 206 4.56 7.27 7.29
C GLY A 206 4.74 8.40 8.26
N THR A 207 4.16 8.30 9.46
CA THR A 207 4.50 9.21 10.53
C THR A 207 5.31 8.43 11.57
N SER A 208 5.79 9.15 12.58
CA SER A 208 6.78 8.63 13.50
C SER A 208 6.10 8.23 14.78
N ILE A 209 6.51 7.13 15.41
CA ILE A 209 5.78 6.71 16.63
C ILE A 209 5.96 7.73 17.75
N LEU A 210 7.11 8.42 17.69
CA LEU A 210 7.59 9.28 18.75
C LEU A 210 6.64 10.44 18.94
N THR A 211 6.10 10.95 17.84
CA THR A 211 5.10 12.04 17.81
C THR A 211 3.84 11.83 18.68
N TYR A 212 3.42 10.56 18.85
CA TYR A 212 2.16 10.24 19.56
C TYR A 212 2.45 9.97 21.01
N LEU A 213 3.73 9.79 21.31
CA LEU A 213 4.18 9.47 22.68
C LEU A 213 4.19 10.68 23.61
N HIS A 214 3.98 10.44 24.90
CA HIS A 214 4.03 11.50 25.86
C HIS A 214 5.52 11.90 25.97
N PRO A 215 5.82 13.21 25.88
CA PRO A 215 7.23 13.72 25.93
C PRO A 215 8.05 13.08 27.08
N GLU A 216 7.43 12.98 28.24
CA GLU A 216 8.10 12.39 29.39
C GLU A 216 8.42 10.93 29.09
N ASP A 217 7.76 10.36 28.07
CA ASP A 217 7.87 8.91 27.73
C ASP A 217 8.72 8.61 26.48
N ARG A 218 8.94 9.60 25.62
CA ARG A 218 9.79 9.37 24.45
C ARG A 218 11.20 8.83 24.70
N PRO A 219 11.89 9.29 25.78
CA PRO A 219 13.27 8.81 25.93
C PRO A 219 13.29 7.33 26.19
N LEU A 220 12.17 6.79 26.68
CA LEU A 220 12.06 5.35 26.94
C LEU A 220 12.44 4.50 25.67
N MET A 221 12.03 4.96 24.49
CA MET A 221 12.29 4.25 23.23
C MET A 221 13.74 3.90 23.03
N VAL A 222 14.65 4.73 23.53
CA VAL A 222 16.07 4.39 23.48
C VAL A 222 16.28 3.05 24.13
N ALA A 223 15.85 2.88 25.36
CA ALA A 223 16.17 1.59 25.97
C ALA A 223 15.42 0.44 25.26
N ILE A 224 14.26 0.76 24.70
CA ILE A 224 13.45 -0.23 24.02
C ILE A 224 14.21 -0.74 22.81
N HIS A 225 14.69 0.18 22.00
CA HIS A 225 15.44 -0.27 20.84
C HIS A 225 16.79 -0.90 21.22
N GLN A 226 17.36 -0.57 22.37
CA GLN A 226 18.56 -1.27 22.78
C GLN A 226 18.20 -2.71 23.06
N LYS A 227 17.12 -2.93 23.81
CA LYS A 227 16.60 -4.29 23.98
C LYS A 227 16.22 -4.94 22.66
N VAL A 228 15.73 -4.17 21.71
CA VAL A 228 15.40 -4.78 20.43
C VAL A 228 16.61 -5.51 19.86
N LEU A 229 17.81 -4.91 19.90
CA LEU A 229 19.04 -5.67 19.59
C LEU A 229 19.34 -6.83 20.55
N LYS A 230 19.64 -6.54 21.82
CA LYS A 230 19.83 -7.63 22.79
C LYS A 230 18.95 -8.88 22.51
N TYR A 231 17.68 -8.69 22.14
CA TYR A 231 16.74 -9.81 22.10
C TYR A 231 16.45 -10.29 20.70
N ALA A 232 17.14 -9.72 19.72
CA ALA A 232 17.03 -10.19 18.36
C ALA A 232 17.28 -11.70 18.34
N GLY A 233 16.46 -12.44 17.58
CA GLY A 233 16.39 -13.91 17.61
C GLY A 233 15.80 -14.55 18.87
N HIS A 234 15.64 -13.75 19.92
CA HIS A 234 15.05 -14.21 21.19
C HIS A 234 13.56 -13.86 21.24
N PRO A 235 12.83 -14.44 22.22
CA PRO A 235 11.38 -14.19 22.23
C PRO A 235 11.14 -12.73 22.60
N PRO A 236 9.88 -12.26 22.47
CA PRO A 236 9.61 -10.81 22.62
C PRO A 236 9.67 -10.42 24.09
N PHE A 237 9.96 -9.15 24.34
CA PHE A 237 10.15 -8.65 25.69
C PHE A 237 9.18 -7.54 26.04
N GLU A 238 9.02 -7.30 27.35
CA GLU A 238 8.26 -6.16 27.85
C GLU A 238 9.22 -5.10 28.38
N HIS A 239 8.75 -3.89 28.57
CA HIS A 239 9.60 -2.87 29.15
C HIS A 239 8.72 -1.99 30.01
N SER A 240 8.92 -0.68 29.98
CA SER A 240 8.03 0.25 30.66
C SER A 240 6.86 0.69 29.78
N PRO A 241 5.67 0.88 30.38
CA PRO A 241 4.53 1.36 29.60
C PRO A 241 4.81 2.73 29.12
N VAL A 242 4.11 3.16 28.06
CA VAL A 242 4.16 4.50 27.52
C VAL A 242 2.74 5.03 27.28
N ARG A 243 2.55 6.34 27.46
CA ARG A 243 1.27 7.01 27.20
C ARG A 243 1.21 7.34 25.73
N PHE A 244 0.11 7.00 25.05
CA PHE A 244 0.04 7.24 23.59
C PHE A 244 -1.14 8.13 23.37
N CYS A 245 -1.01 9.15 22.54
CA CYS A 245 -2.06 10.18 22.41
C CYS A 245 -3.15 9.76 21.44
N THR A 246 -4.39 9.58 21.90
CA THR A 246 -5.47 9.25 20.99
C THR A 246 -5.86 10.47 20.21
N GLN A 247 -6.77 10.37 19.24
CA GLN A 247 -7.02 11.53 18.38
C GLN A 247 -7.93 12.60 19.02
N ASN A 248 -8.76 12.20 19.98
CA ASN A 248 -9.48 13.16 20.80
C ASN A 248 -8.55 13.95 21.77
N GLY A 249 -7.27 13.63 21.80
CA GLY A 249 -6.31 14.41 22.59
C GLY A 249 -5.86 13.82 23.93
N GLU A 250 -6.71 13.01 24.53
CA GLU A 250 -6.42 12.36 25.81
C GLU A 250 -5.51 11.14 25.66
N TYR A 251 -4.78 10.81 26.72
CA TYR A 251 -3.79 9.77 26.62
C TYR A 251 -4.33 8.47 27.10
N VAL A 252 -3.79 7.43 26.47
CA VAL A 252 -4.01 6.06 26.84
C VAL A 252 -2.65 5.36 27.17
N ILE A 253 -2.63 4.55 28.21
CA ILE A 253 -1.42 3.82 28.59
C ILE A 253 -1.26 2.51 27.81
N LEU A 254 -0.21 2.41 27.00
CA LEU A 254 0.12 1.17 26.29
C LEU A 254 1.01 0.29 27.16
N ASP A 255 0.60 -0.95 27.37
CA ASP A 255 1.45 -2.00 27.94
C ASP A 255 1.83 -2.91 26.78
N SER A 256 3.09 -2.94 26.39
CA SER A 256 3.49 -3.53 25.11
C SER A 256 4.52 -4.64 25.17
N SER A 257 4.48 -5.49 24.15
CA SER A 257 5.51 -6.49 23.97
C SER A 257 6.19 -6.19 22.64
N TRP A 258 7.52 -6.27 22.60
CA TRP A 258 8.23 -5.92 21.38
C TRP A 258 9.11 -7.04 20.83
N SER A 259 9.36 -6.97 19.53
CA SER A 259 10.23 -7.92 18.91
C SER A 259 10.65 -7.35 17.59
N SER A 260 11.28 -8.16 16.77
CA SER A 260 11.76 -7.57 15.56
C SER A 260 11.79 -8.58 14.42
N PHE A 261 12.03 -8.08 13.22
CA PHE A 261 12.46 -8.90 12.11
C PHE A 261 13.81 -8.38 11.61
N VAL A 262 14.81 -9.23 11.73
CA VAL A 262 16.12 -8.94 11.16
C VAL A 262 16.29 -9.59 9.77
N ASN A 263 16.70 -8.79 8.78
CA ASN A 263 16.92 -9.26 7.39
C ASN A 263 17.86 -10.46 7.43
N PRO A 264 17.45 -11.59 6.86
CA PRO A 264 18.21 -12.81 7.11
C PRO A 264 19.61 -12.81 6.53
N TRP A 265 19.82 -11.93 5.54
CA TRP A 265 21.04 -11.91 4.75
C TRP A 265 22.06 -10.93 5.28
N SER A 266 21.75 -9.65 5.27
CA SER A 266 22.53 -8.69 6.06
C SER A 266 21.83 -8.74 7.36
N ARG A 267 22.48 -9.16 8.43
CA ARG A 267 21.66 -9.40 9.62
C ARG A 267 21.40 -8.09 10.38
N LYS A 268 20.62 -7.21 9.76
CA LYS A 268 20.21 -5.95 10.38
C LYS A 268 18.70 -5.90 10.58
N VAL A 269 18.27 -5.25 11.67
CA VAL A 269 16.84 -5.04 11.95
C VAL A 269 16.08 -4.34 10.82
N SER A 270 15.05 -4.99 10.32
CA SER A 270 14.36 -4.45 9.18
C SER A 270 13.12 -3.70 9.67
N PHE A 271 12.44 -4.27 10.66
CA PHE A 271 11.40 -3.53 11.27
C PHE A 271 11.21 -4.02 12.68
N ILE A 272 10.56 -3.16 13.46
CA ILE A 272 10.27 -3.45 14.85
C ILE A 272 8.77 -3.65 14.98
N ILE A 273 8.39 -4.67 15.76
CA ILE A 273 7.00 -5.00 15.96
C ILE A 273 6.50 -4.99 17.41
N GLY A 274 5.33 -4.38 17.58
CA GLY A 274 4.68 -4.24 18.88
C GLY A 274 3.24 -4.81 18.92
N ARG A 275 2.95 -5.54 19.98
CA ARG A 275 1.60 -5.94 20.33
C ARG A 275 1.23 -5.09 21.56
N HIS A 276 0.26 -4.19 21.43
CA HIS A 276 -0.01 -3.22 22.52
C HIS A 276 -1.31 -3.53 23.26
N LYS A 277 -1.23 -3.74 24.57
CA LYS A 277 -2.42 -3.83 25.40
C LYS A 277 -2.75 -2.42 25.95
N VAL A 278 -3.93 -1.90 25.59
CA VAL A 278 -4.40 -0.60 26.02
C VAL A 278 -5.04 -0.71 27.41
N ARG A 279 -4.41 -0.04 28.38
CA ARG A 279 -4.67 -0.30 29.78
C ARG A 279 -5.47 0.78 30.47
N THR A 280 -5.57 1.94 29.86
CA THR A 280 -6.55 2.88 30.39
C THR A 280 -7.61 3.24 29.32
N SER A 281 -8.57 4.11 29.68
CA SER A 281 -9.62 4.62 28.79
C SER A 281 -9.56 6.11 28.82
N PRO A 282 -9.83 6.81 27.69
CA PRO A 282 -9.88 8.24 27.96
C PRO A 282 -11.19 8.63 28.66
N LEU A 283 -11.20 9.84 29.18
CA LEU A 283 -12.36 10.36 29.89
C LEU A 283 -13.55 10.63 29.00
N ASN A 284 -13.30 11.39 27.92
CA ASN A 284 -14.18 11.52 26.75
C ASN A 284 -14.15 10.21 26.02
N GLU A 285 -15.16 9.38 26.25
CA GLU A 285 -15.18 8.07 25.70
C GLU A 285 -15.10 8.01 24.17
N ASP A 286 -15.39 9.12 23.46
CA ASP A 286 -15.36 9.13 22.00
C ASP A 286 -13.98 9.45 21.45
N VAL A 287 -13.19 8.41 21.15
CA VAL A 287 -11.90 8.64 20.47
C VAL A 287 -12.04 9.33 19.12
N PHE A 288 -13.23 9.34 18.51
CA PHE A 288 -13.37 10.04 17.20
C PHE A 288 -13.85 11.51 17.25
N ALA A 289 -14.14 12.05 18.44
CA ALA A 289 -14.60 13.46 18.62
C ALA A 289 -13.77 14.49 17.85
N THR A 290 -14.44 15.53 17.36
CA THR A 290 -13.77 16.54 16.55
C THR A 290 -12.83 17.38 17.40
N ARG A 291 -11.59 17.48 16.98
CA ARG A 291 -10.67 18.28 17.73
C ARG A 291 -9.80 19.10 16.79
N ILE A 292 -9.57 20.34 17.19
CA ILE A 292 -8.53 21.16 16.62
C ILE A 292 -7.30 20.77 17.42
N LYS A 293 -6.13 20.74 16.77
CA LYS A 293 -4.83 20.54 17.43
C LYS A 293 -3.77 21.28 16.66
N LYS A 294 -2.93 22.03 17.37
CA LYS A 294 -1.85 22.74 16.69
C LYS A 294 -0.77 21.75 16.32
N ALA A 295 -0.54 21.61 15.02
CA ALA A 295 0.62 20.89 14.47
C ALA A 295 1.62 21.90 13.89
N ALA A 296 2.35 22.53 14.81
CA ALA A 296 3.41 23.50 14.47
C ALA A 296 4.49 23.59 15.56
N SER A 297 5.74 23.32 15.17
CA SER A 297 6.91 23.24 16.09
C SER A 297 6.76 22.16 17.17
N ASN A 298 7.65 21.16 17.15
CA ASN A 298 7.55 19.97 18.03
C ASN A 298 8.51 18.84 17.67
N ASP A 299 9.14 18.91 16.49
CA ASP A 299 10.04 17.84 15.99
C ASP A 299 11.48 17.98 16.51
N LYS A 300 11.63 18.71 17.61
CA LYS A 300 12.94 19.06 18.14
C LYS A 300 13.56 17.82 18.77
N ASP A 301 13.04 17.42 19.93
CA ASP A 301 13.50 16.20 20.57
C ASP A 301 13.17 14.93 19.75
N ILE A 302 12.23 15.06 18.81
CA ILE A 302 11.84 13.94 17.94
C ILE A 302 12.99 13.47 17.01
N ALA A 303 13.53 14.36 16.17
CA ALA A 303 14.74 14.05 15.36
C ALA A 303 15.94 13.65 16.20
N GLU A 304 16.09 14.27 17.38
CA GLU A 304 17.10 13.78 18.32
C GLU A 304 16.94 12.29 18.56
N LEU A 305 15.78 11.84 19.04
CA LEU A 305 15.57 10.40 19.33
C LEU A 305 15.61 9.50 18.09
N GLN A 306 14.97 9.95 17.00
CA GLN A 306 14.96 9.19 15.77
C GLN A 306 16.36 8.99 15.28
N GLU A 307 17.18 10.04 15.36
CA GLU A 307 18.54 9.94 14.86
C GLU A 307 19.36 8.97 15.68
N GLN A 308 19.26 9.03 17.00
CA GLN A 308 20.09 8.15 17.80
C GLN A 308 19.63 6.68 17.79
N ILE A 309 18.31 6.47 17.76
CA ILE A 309 17.74 5.13 17.66
C ILE A 309 18.12 4.48 16.35
N HIS A 310 17.92 5.19 15.25
CA HIS A 310 18.35 4.71 13.94
C HIS A 310 19.79 4.27 14.02
N LYS A 311 20.64 5.18 14.49
CA LYS A 311 22.07 4.96 14.60
C LYS A 311 22.40 3.64 15.30
N LEU A 312 21.87 3.45 16.49
CA LEU A 312 22.22 2.25 17.23
C LEU A 312 21.72 1.00 16.56
N LEU A 313 20.81 1.14 15.58
CA LEU A 313 20.19 -0.03 14.95
C LEU A 313 20.93 -0.60 13.72
N LEU A 314 21.96 0.08 13.24
CA LEU A 314 22.87 -0.48 12.21
C LEU A 314 23.80 -1.60 12.72
N GLN A 315 23.97 -1.71 14.03
CA GLN A 315 24.83 -2.77 14.56
C GLN A 315 24.28 -4.10 14.06
N PRO A 316 25.06 -4.82 13.26
CA PRO A 316 24.52 -6.04 12.68
C PRO A 316 24.06 -7.07 13.74
N VAL A 317 23.14 -7.93 13.31
CA VAL A 317 22.66 -9.12 14.02
C VAL A 317 21.72 -8.82 15.19
N ALA B 25 13.97 27.94 -0.96
CA ALA B 25 13.94 28.10 -2.45
C ALA B 25 12.49 28.28 -2.89
N LEU B 26 12.26 28.96 -4.01
CA LEU B 26 10.92 29.50 -4.31
C LEU B 26 10.67 30.06 -5.75
N ALA B 27 11.42 29.62 -6.78
CA ALA B 27 11.58 30.39 -8.03
C ALA B 27 10.99 29.88 -9.36
N SER B 28 11.80 29.91 -10.43
CA SER B 28 11.27 29.79 -11.81
C SER B 28 12.18 29.08 -12.82
N GLU B 29 12.97 28.12 -12.35
CA GLU B 29 14.09 27.70 -13.18
C GLU B 29 14.41 26.24 -13.39
N HIS B 30 15.67 25.91 -13.17
CA HIS B 30 16.18 24.76 -13.89
C HIS B 30 17.08 23.79 -13.16
N THR B 31 16.84 22.53 -13.50
CA THR B 31 17.79 21.48 -13.35
C THR B 31 17.57 20.62 -14.57
N SER B 32 18.67 20.39 -15.25
CA SER B 32 18.73 19.62 -16.46
C SER B 32 18.98 18.19 -16.03
N LYS B 33 19.01 17.25 -16.98
CA LYS B 33 19.60 15.93 -16.77
C LYS B 33 20.28 15.48 -18.04
N ASN B 34 20.21 14.18 -18.34
CA ASN B 34 20.71 13.61 -19.61
C ASN B 34 20.63 12.09 -19.77
N THR B 35 20.45 11.64 -21.01
CA THR B 35 20.65 10.22 -21.37
C THR B 35 19.68 9.25 -20.66
N ASP B 36 18.49 9.24 -21.26
CA ASP B 36 17.36 8.45 -20.79
C ASP B 36 17.05 8.90 -19.37
N THR B 37 17.25 10.20 -19.13
CA THR B 37 16.68 10.90 -17.98
C THR B 37 16.31 12.28 -18.43
N PHE B 38 15.20 12.79 -17.89
CA PHE B 38 14.71 14.13 -18.17
C PHE B 38 13.78 14.55 -17.03
N ALA B 39 13.41 15.83 -17.03
CA ALA B 39 12.64 16.40 -15.95
C ALA B 39 11.32 16.91 -16.53
N ALA B 40 10.22 16.58 -15.88
CA ALA B 40 8.97 17.21 -16.20
C ALA B 40 8.50 17.89 -14.94
N VAL B 41 8.35 19.21 -15.00
CA VAL B 41 7.76 19.92 -13.90
C VAL B 41 6.37 20.13 -14.41
N PHE B 42 5.37 19.82 -13.58
CA PHE B 42 4.01 20.10 -13.99
C PHE B 42 3.16 20.82 -12.95
N SER B 43 2.18 21.53 -13.50
CA SER B 43 1.26 22.34 -12.73
C SER B 43 0.41 21.46 -11.84
N PHE B 44 0.33 21.83 -10.56
CA PHE B 44 -0.18 20.93 -9.52
C PHE B 44 -1.69 20.85 -9.49
N LEU B 45 -2.32 21.73 -8.73
CA LEU B 45 -3.74 21.94 -8.84
C LEU B 45 -3.89 22.79 -10.10
N SER B 46 -4.05 22.07 -11.23
CA SER B 46 -3.96 22.62 -12.59
C SER B 46 -4.02 21.51 -13.66
N GLY B 47 -2.85 21.09 -14.17
CA GLY B 47 -2.73 20.07 -15.23
C GLY B 47 -1.45 20.15 -16.05
N ARG B 48 -1.38 21.18 -16.90
CA ARG B 48 -0.31 21.34 -17.92
C ARG B 48 1.11 21.49 -17.36
N LEU B 49 2.03 20.75 -17.96
CA LEU B 49 3.42 20.83 -17.60
C LEU B 49 3.94 22.23 -17.87
N VAL B 50 4.53 22.82 -16.84
CA VAL B 50 5.31 24.04 -16.97
C VAL B 50 6.55 23.77 -17.83
N HIS B 51 7.49 22.96 -17.32
CA HIS B 51 8.75 22.75 -18.01
C HIS B 51 8.87 21.33 -18.60
N ILE B 52 9.74 21.18 -19.59
CA ILE B 52 10.11 19.87 -20.13
C ILE B 52 11.46 19.90 -20.87
N SER B 53 12.36 19.06 -20.39
CA SER B 53 13.71 18.97 -20.88
C SER B 53 13.80 18.62 -22.37
N GLU B 54 14.65 19.37 -23.08
CA GLU B 54 14.85 19.24 -24.52
C GLU B 54 14.90 17.81 -25.07
N GLN B 55 15.37 16.86 -24.24
CA GLN B 55 15.31 15.43 -24.54
C GLN B 55 13.87 14.92 -24.60
N ALA B 56 13.49 14.35 -25.75
CA ALA B 56 12.14 13.80 -25.98
C ALA B 56 12.20 12.42 -26.66
N ALA B 57 12.04 11.39 -25.82
CA ALA B 57 11.84 10.03 -26.29
C ALA B 57 10.51 9.92 -27.07
N LEU B 58 10.63 10.01 -28.40
CA LEU B 58 9.53 9.87 -29.40
C LEU B 58 8.52 11.03 -29.54
N ILE B 59 8.76 11.88 -30.53
CA ILE B 59 7.84 12.95 -31.01
C ILE B 59 7.34 13.96 -29.97
N LEU B 60 7.51 15.26 -30.30
CA LEU B 60 7.08 16.40 -29.46
C LEU B 60 5.55 16.56 -29.25
N ASN B 61 5.19 17.13 -28.10
CA ASN B 61 3.85 17.66 -27.82
C ASN B 61 3.89 18.81 -26.78
N SER B 62 2.73 19.39 -26.47
CA SER B 62 2.59 20.40 -25.42
C SER B 62 1.33 20.17 -24.58
N HIS B 71 -1.45 17.62 -20.63
CA HIS B 71 -1.02 16.51 -21.46
C HIS B 71 -0.35 15.34 -20.70
N PHE B 72 0.19 15.57 -19.50
CA PHE B 72 1.16 14.58 -18.96
C PHE B 72 0.64 13.34 -18.22
N VAL B 73 -0.30 13.53 -17.31
CA VAL B 73 -0.97 12.38 -16.75
C VAL B 73 -1.53 11.60 -17.92
N ASP B 74 -1.70 12.30 -19.05
CA ASP B 74 -2.23 11.68 -20.26
C ASP B 74 -1.25 10.72 -20.94
N LEU B 75 0.05 10.89 -20.68
CA LEU B 75 1.04 10.03 -21.33
C LEU B 75 1.24 8.66 -20.69
N LEU B 76 0.51 8.42 -19.61
CA LEU B 76 0.69 7.20 -18.87
C LEU B 76 -0.21 6.10 -19.34
N ALA B 77 0.27 4.86 -19.18
CA ALA B 77 -0.51 3.69 -19.46
C ALA B 77 -1.73 3.67 -18.54
N PRO B 78 -2.89 3.23 -19.07
CA PRO B 78 -4.13 3.03 -18.32
C PRO B 78 -3.86 2.53 -16.89
N GLN B 79 -3.21 1.37 -16.74
CA GLN B 79 -3.00 0.77 -15.41
C GLN B 79 -1.96 1.41 -14.46
N ASP B 80 -1.29 2.48 -14.90
CA ASP B 80 -0.25 3.12 -14.10
C ASP B 80 -0.73 4.40 -13.43
N VAL B 81 -1.80 4.99 -13.98
CA VAL B 81 -2.35 6.26 -13.49
C VAL B 81 -2.64 6.25 -11.98
N ARG B 82 -3.09 5.13 -11.45
CA ARG B 82 -3.28 5.04 -9.98
C ARG B 82 -1.99 5.18 -9.17
N ALA B 83 -0.88 4.67 -9.69
CA ALA B 83 0.40 4.80 -8.99
C ALA B 83 0.97 6.22 -9.10
N PHE B 84 0.85 6.80 -10.28
CA PHE B 84 1.30 8.16 -10.53
C PHE B 84 0.66 9.18 -9.57
N TYR B 85 -0.61 8.98 -9.21
CA TYR B 85 -1.30 9.84 -8.25
C TYR B 85 -0.89 9.59 -6.79
N ALA B 86 -0.86 8.33 -6.41
CA ALA B 86 -0.45 7.91 -5.07
C ALA B 86 0.92 8.48 -4.67
N HIS B 87 1.89 8.38 -5.58
CA HIS B 87 3.25 8.80 -5.29
C HIS B 87 3.54 10.29 -5.49
N THR B 88 2.64 10.99 -6.16
CA THR B 88 2.78 12.43 -6.37
C THR B 88 1.71 13.26 -5.66
N ALA B 89 0.99 12.65 -4.71
CA ALA B 89 0.01 13.41 -3.91
C ALA B 89 0.74 14.45 -3.07
N PRO B 90 0.44 15.75 -3.29
CA PRO B 90 1.21 16.83 -2.66
C PRO B 90 1.67 16.58 -1.22
N THR B 91 0.90 15.85 -0.42
CA THR B 91 1.27 15.61 0.99
C THR B 91 2.51 14.69 1.17
N GLN B 92 2.60 13.64 0.34
CA GLN B 92 3.71 12.68 0.34
C GLN B 92 5.07 13.25 -0.11
N LEU B 93 5.05 14.33 -0.90
CA LEU B 93 6.28 14.85 -1.53
C LEU B 93 7.24 15.58 -0.56
N PRO B 94 8.54 15.28 -0.68
CA PRO B 94 9.54 16.06 0.05
C PRO B 94 9.96 17.29 -0.75
N PHE B 95 10.59 18.25 -0.08
CA PHE B 95 11.17 19.43 -0.73
C PHE B 95 12.43 19.08 -1.53
N TRP B 96 12.75 19.92 -2.51
CA TRP B 96 13.92 19.67 -3.35
C TRP B 96 15.28 19.95 -2.66
N ASN B 97 16.25 19.04 -2.90
CA ASN B 97 17.61 19.04 -2.32
C ASN B 97 17.78 19.84 -1.03
N ASN B 98 17.08 19.37 -0.01
CA ASN B 98 16.89 20.09 1.25
C ASN B 98 18.14 20.15 2.17
N TRP B 99 17.93 20.69 3.38
CA TRP B 99 18.97 20.81 4.43
C TRP B 99 18.36 20.98 5.84
N PRO B 110 14.48 10.82 2.34
CA PRO B 110 14.69 11.85 1.32
C PRO B 110 14.57 11.29 -0.13
N ALA B 111 13.35 11.40 -0.69
CA ALA B 111 12.95 10.92 -2.06
C ALA B 111 12.94 9.38 -2.25
N LYS B 112 11.85 8.84 -2.81
CA LYS B 112 11.71 7.37 -3.02
C LYS B 112 11.00 6.96 -4.36
N PRO B 113 11.61 6.04 -5.14
CA PRO B 113 11.16 5.76 -6.53
C PRO B 113 9.80 5.10 -6.67
N PHE B 114 9.08 5.47 -7.70
CA PHE B 114 7.94 4.70 -8.18
C PHE B 114 8.12 4.49 -9.68
N PHE B 115 7.22 3.76 -10.29
CA PHE B 115 7.43 3.36 -11.66
C PHE B 115 6.19 3.52 -12.49
N CYS B 116 6.38 3.97 -13.73
CA CYS B 116 5.38 3.74 -14.78
C CYS B 116 5.85 3.71 -16.24
N ARG B 117 4.92 3.29 -17.10
CA ARG B 117 5.11 3.19 -18.53
C ARG B 117 4.40 4.42 -19.06
N ILE B 118 5.21 5.37 -19.51
CA ILE B 118 4.76 6.72 -19.66
C ILE B 118 5.05 7.22 -21.04
N CYS B 119 4.92 6.35 -22.05
CA CYS B 119 5.05 6.69 -23.49
C CYS B 119 5.04 8.19 -23.85
N GLU B 125 2.03 5.44 -36.39
CA GLU B 125 1.10 4.56 -35.67
C GLU B 125 0.22 5.27 -34.60
N LYS B 126 0.16 4.67 -33.41
CA LYS B 126 -0.66 5.15 -32.28
C LYS B 126 0.20 5.49 -31.05
N ARG B 127 0.72 4.44 -30.38
CA ARG B 127 1.41 4.51 -29.07
C ARG B 127 2.47 3.39 -28.96
N HIS B 128 3.28 3.44 -27.88
CA HIS B 128 4.42 2.51 -27.70
C HIS B 128 4.69 2.08 -26.23
N TYR B 129 4.84 3.05 -25.33
CA TYR B 129 5.07 2.83 -23.87
C TYR B 129 6.42 2.20 -23.49
N SER B 130 7.19 2.94 -22.70
CA SER B 130 8.46 2.49 -22.16
C SER B 130 8.31 2.49 -20.64
N PRO B 131 9.16 1.75 -19.92
CA PRO B 131 9.14 1.89 -18.47
C PRO B 131 10.02 3.03 -17.98
N PHE B 132 9.57 3.72 -16.94
CA PHE B 132 10.33 4.86 -16.38
C PHE B 132 10.35 4.82 -14.88
N ARG B 133 11.51 5.13 -14.34
CA ARG B 133 11.68 5.24 -12.91
C ARG B 133 11.55 6.73 -12.58
N ILE B 134 10.77 7.02 -11.55
CA ILE B 134 10.51 8.40 -11.19
C ILE B 134 10.84 8.80 -9.74
N LEU B 135 11.38 10.01 -9.61
CA LEU B 135 11.50 10.66 -8.29
C LEU B 135 10.79 12.03 -8.26
N PRO B 136 9.64 12.05 -7.56
CA PRO B 136 8.77 13.19 -7.44
C PRO B 136 9.14 14.18 -6.31
N TYR B 137 9.10 15.47 -6.60
CA TYR B 137 9.36 16.48 -5.58
C TYR B 137 8.35 17.60 -5.73
N LEU B 138 8.24 18.34 -4.63
CA LEU B 138 7.42 19.54 -4.52
C LEU B 138 8.40 20.72 -4.60
N VAL B 139 8.11 21.62 -5.55
CA VAL B 139 8.81 22.91 -5.75
C VAL B 139 7.78 23.97 -6.16
N HIS B 140 8.18 25.25 -6.23
CA HIS B 140 7.24 26.38 -6.48
C HIS B 140 7.63 27.30 -7.64
N VAL B 141 6.71 27.53 -8.59
CA VAL B 141 7.04 28.26 -9.81
C VAL B 141 6.18 29.52 -10.15
N HIS B 142 6.86 30.48 -10.76
CA HIS B 142 6.28 31.73 -11.18
C HIS B 142 5.52 31.59 -12.50
N SER B 143 4.40 32.30 -12.62
CA SER B 143 3.74 32.55 -13.92
C SER B 143 3.09 33.92 -13.95
N SER B 144 2.45 34.27 -15.07
CA SER B 144 1.52 35.41 -15.02
C SER B 144 0.17 35.00 -14.40
N ALA B 145 0.13 35.12 -13.07
CA ALA B 145 -0.99 34.66 -12.24
C ALA B 145 -0.64 34.78 -10.75
N GLN B 146 0.10 35.84 -10.42
CA GLN B 146 0.40 36.23 -9.04
C GLN B 146 0.25 35.14 -7.97
N PRO B 149 3.05 32.34 -7.43
CA PRO B 149 3.56 31.04 -6.97
C PRO B 149 2.52 29.95 -7.19
N GLU B 150 2.88 28.89 -7.91
CA GLU B 150 1.96 27.74 -8.07
C GLU B 150 2.03 26.77 -6.86
N PRO B 151 1.93 25.47 -7.14
CA PRO B 151 2.19 24.49 -6.12
C PRO B 151 3.27 23.49 -6.58
N CYS B 152 3.20 23.08 -7.84
CA CYS B 152 4.30 22.39 -8.57
C CYS B 152 5.01 21.08 -8.10
N CYS B 153 4.82 20.02 -8.89
CA CYS B 153 5.59 18.77 -8.72
C CYS B 153 6.65 18.64 -9.78
N LEU B 154 7.89 18.55 -9.32
CA LEU B 154 9.01 18.32 -10.18
C LEU B 154 9.35 16.84 -10.13
N THR B 155 9.45 16.21 -11.28
CA THR B 155 9.79 14.78 -11.35
C THR B 155 11.02 14.50 -12.23
N LEU B 156 11.88 13.62 -11.74
CA LEU B 156 13.03 13.21 -12.50
C LEU B 156 12.76 11.78 -13.00
N VAL B 157 12.90 11.62 -14.31
CA VAL B 157 12.34 10.48 -15.03
C VAL B 157 13.46 9.69 -15.69
N GLU B 158 13.58 8.41 -15.39
CA GLU B 158 14.63 7.62 -16.04
C GLU B 158 14.07 6.44 -16.84
N LYS B 159 14.14 6.53 -18.16
CA LYS B 159 13.87 5.39 -19.06
C LYS B 159 14.66 4.18 -18.56
N ILE B 160 13.94 3.08 -18.39
CA ILE B 160 14.50 1.85 -17.86
C ILE B 160 14.77 0.82 -18.95
N HIS B 161 15.94 0.21 -18.90
CA HIS B 161 16.25 -0.87 -19.84
C HIS B 161 16.20 -2.24 -19.20
N SER B 162 15.88 -3.22 -20.05
CA SER B 162 16.02 -4.62 -19.71
C SER B 162 17.43 -4.89 -19.22
N GLY B 163 17.55 -5.59 -18.10
CA GLY B 163 18.86 -5.94 -17.54
C GLY B 163 19.75 -6.71 -18.51
N TYR B 164 19.16 -7.10 -19.65
CA TYR B 164 19.77 -8.00 -20.62
C TYR B 164 20.12 -7.24 -21.91
N GLU B 165 19.40 -6.17 -22.18
CA GLU B 165 19.53 -5.37 -23.42
C GLU B 165 20.76 -4.47 -23.39
N ALA B 166 20.67 -3.36 -24.13
CA ALA B 166 21.77 -2.39 -24.31
C ALA B 166 22.95 -2.61 -23.36
N PRO B 167 23.00 -1.92 -22.21
CA PRO B 167 24.11 -2.08 -21.27
C PRO B 167 23.76 -3.08 -20.15
N ARG B 168 23.91 -4.37 -20.45
CA ARG B 168 23.43 -5.44 -19.58
C ARG B 168 23.94 -5.36 -18.14
N ILE B 169 23.05 -5.71 -17.20
CA ILE B 169 23.39 -5.72 -15.78
C ILE B 169 24.34 -6.86 -15.59
N PRO B 170 25.45 -6.62 -14.84
CA PRO B 170 26.38 -7.67 -14.46
C PRO B 170 25.66 -8.85 -13.82
N VAL B 171 26.13 -10.04 -14.15
CA VAL B 171 25.59 -11.32 -13.73
C VAL B 171 25.52 -11.47 -12.21
N ASP B 172 26.53 -10.96 -11.52
CA ASP B 172 26.60 -10.99 -10.05
C ASP B 172 25.57 -10.03 -9.42
N LYS B 173 25.03 -9.13 -10.23
CA LYS B 173 24.10 -8.11 -9.74
C LYS B 173 22.66 -8.47 -10.06
N ARG B 174 22.43 -9.69 -10.55
CA ARG B 174 21.09 -10.07 -10.95
C ARG B 174 20.32 -10.69 -9.79
N ILE B 175 20.24 -9.92 -8.71
CA ILE B 175 19.63 -10.34 -7.48
C ILE B 175 18.43 -9.41 -7.20
N PHE B 176 17.36 -10.01 -6.70
CA PHE B 176 16.25 -9.23 -6.15
C PHE B 176 15.52 -10.03 -5.11
N THR B 177 14.72 -9.34 -4.31
CA THR B 177 14.02 -10.02 -3.22
C THR B 177 12.49 -9.84 -3.30
N THR B 178 11.73 -10.79 -2.77
CA THR B 178 10.27 -10.71 -2.71
C THR B 178 9.76 -11.21 -1.36
N THR B 179 8.54 -10.82 -1.01
CA THR B 179 7.88 -11.38 0.16
C THR B 179 6.44 -11.75 -0.20
N HIS B 180 5.95 -12.83 0.36
CA HIS B 180 4.58 -13.21 0.10
C HIS B 180 3.90 -13.76 1.33
N THR B 181 2.57 -13.68 1.32
CA THR B 181 1.79 -14.15 2.43
C THR B 181 1.74 -15.68 2.49
N PRO B 182 1.25 -16.21 3.61
CA PRO B 182 0.96 -17.63 3.65
C PRO B 182 0.08 -18.11 2.49
N GLY B 183 -0.66 -17.20 1.84
CA GLY B 183 -1.53 -17.54 0.71
C GLY B 183 -0.87 -17.29 -0.63
N CYS B 184 0.46 -17.29 -0.67
CA CYS B 184 1.18 -17.12 -1.93
C CYS B 184 0.94 -15.79 -2.76
N VAL B 185 0.44 -14.75 -2.10
CA VAL B 185 0.28 -13.43 -2.75
C VAL B 185 1.47 -12.50 -2.45
N PHE B 186 1.96 -11.80 -3.46
CA PHE B 186 3.10 -10.87 -3.31
C PHE B 186 2.77 -9.64 -2.47
N LEU B 187 3.63 -9.35 -1.50
CA LEU B 187 3.50 -8.20 -0.63
C LEU B 187 4.53 -7.18 -1.05
N GLU B 188 5.76 -7.65 -1.19
CA GLU B 188 6.85 -6.74 -1.47
C GLU B 188 7.67 -7.25 -2.60
N VAL B 189 8.12 -6.32 -3.40
CA VAL B 189 9.03 -6.60 -4.49
C VAL B 189 10.04 -5.46 -4.63
N ASP B 190 11.33 -5.78 -4.60
CA ASP B 190 12.28 -4.73 -4.63
C ASP B 190 12.50 -4.19 -6.07
N GLU B 191 12.87 -2.92 -6.19
CA GLU B 191 13.01 -2.26 -7.46
C GLU B 191 13.85 -3.08 -8.40
N ARG B 192 14.82 -3.80 -7.85
CA ARG B 192 15.74 -4.49 -8.72
C ARG B 192 15.05 -5.60 -9.53
N ALA B 193 13.79 -5.93 -9.20
CA ALA B 193 13.01 -6.85 -10.03
C ALA B 193 12.61 -6.28 -11.40
N VAL B 194 12.39 -4.96 -11.46
CA VAL B 194 11.87 -4.31 -12.66
C VAL B 194 12.69 -4.61 -13.94
N PRO B 195 13.97 -4.22 -13.99
CA PRO B 195 14.80 -4.51 -15.21
C PRO B 195 14.97 -5.99 -15.53
N LEU B 196 14.68 -6.85 -14.56
CA LEU B 196 14.94 -8.30 -14.62
C LEU B 196 13.72 -9.19 -14.98
N LEU B 197 12.53 -8.73 -14.63
CA LEU B 197 11.30 -9.46 -14.89
C LEU B 197 10.44 -8.79 -15.93
N GLY B 198 10.56 -7.47 -16.07
CA GLY B 198 9.76 -6.75 -17.05
C GLY B 198 8.53 -6.11 -16.45
N TYR B 199 8.19 -6.46 -15.21
CA TYR B 199 6.98 -6.01 -14.55
C TYR B 199 7.31 -4.90 -13.59
N LEU B 200 6.40 -3.96 -13.41
CA LEU B 200 6.57 -2.91 -12.43
C LEU B 200 5.94 -3.41 -11.13
N PRO B 201 6.44 -2.92 -9.98
CA PRO B 201 6.04 -3.62 -8.74
C PRO B 201 4.53 -3.66 -8.57
N GLN B 202 3.87 -2.65 -9.07
CA GLN B 202 2.44 -2.61 -8.99
C GLN B 202 1.76 -3.77 -9.77
N ASP B 203 2.42 -4.33 -10.79
CA ASP B 203 1.87 -5.48 -11.51
C ASP B 203 1.92 -6.76 -10.68
N LEU B 204 2.87 -6.83 -9.76
CA LEU B 204 3.10 -8.01 -8.98
C LEU B 204 2.54 -7.95 -7.59
N ILE B 205 2.54 -6.78 -6.94
CA ILE B 205 1.98 -6.75 -5.58
C ILE B 205 0.48 -7.13 -5.67
N GLY B 206 -0.01 -7.96 -4.76
CA GLY B 206 -1.39 -8.43 -4.86
C GLY B 206 -1.64 -9.65 -5.76
N THR B 207 -0.72 -9.99 -6.66
CA THR B 207 -0.89 -11.21 -7.44
C THR B 207 -0.12 -12.35 -6.79
N SER B 208 -0.31 -13.56 -7.30
CA SER B 208 0.24 -14.76 -6.69
C SER B 208 1.58 -15.23 -7.28
N ILE B 209 2.50 -15.68 -6.41
CA ILE B 209 3.76 -16.25 -6.89
C ILE B 209 3.47 -17.32 -7.90
N LEU B 210 2.58 -18.23 -7.51
CA LEU B 210 2.26 -19.46 -8.24
C LEU B 210 2.00 -19.15 -9.72
N THR B 211 1.16 -18.14 -9.97
CA THR B 211 0.86 -17.78 -11.36
C THR B 211 2.12 -17.76 -12.23
N TYR B 212 3.21 -17.23 -11.71
CA TYR B 212 4.29 -16.90 -12.61
C TYR B 212 5.24 -18.07 -12.85
N LEU B 213 5.19 -19.06 -11.95
CA LEU B 213 6.07 -20.24 -12.05
C LEU B 213 5.67 -21.18 -13.18
N HIS B 214 6.66 -21.74 -13.86
CA HIS B 214 6.45 -22.80 -14.83
C HIS B 214 5.58 -23.87 -14.20
N PRO B 215 4.55 -24.36 -14.93
CA PRO B 215 3.71 -25.46 -14.38
C PRO B 215 4.60 -26.67 -14.03
N GLU B 216 5.55 -26.96 -14.92
CA GLU B 216 6.53 -28.00 -14.65
C GLU B 216 7.13 -27.79 -13.26
N ASP B 217 7.33 -26.54 -12.84
CA ASP B 217 8.08 -26.19 -11.59
C ASP B 217 7.25 -25.92 -10.28
N ARG B 218 5.97 -25.58 -10.45
CA ARG B 218 5.09 -25.21 -9.33
C ARG B 218 5.09 -26.11 -8.10
N PRO B 219 5.06 -27.44 -8.27
CA PRO B 219 5.00 -28.30 -7.08
C PRO B 219 6.24 -28.36 -6.18
N LEU B 220 7.35 -27.75 -6.61
CA LEU B 220 8.43 -27.51 -5.67
C LEU B 220 7.99 -26.58 -4.54
N MET B 221 7.12 -25.63 -4.89
CA MET B 221 6.57 -24.70 -3.89
C MET B 221 6.00 -25.36 -2.63
N VAL B 222 5.41 -26.57 -2.78
CA VAL B 222 4.91 -27.31 -1.63
C VAL B 222 6.07 -27.65 -0.72
N ALA B 223 7.11 -28.26 -1.24
CA ALA B 223 8.31 -28.57 -0.45
C ALA B 223 9.03 -27.33 0.09
N ILE B 224 9.20 -26.31 -0.75
CA ILE B 224 9.80 -25.04 -0.33
C ILE B 224 9.04 -24.50 0.87
N HIS B 225 7.72 -24.61 0.84
CA HIS B 225 7.02 -24.17 2.02
C HIS B 225 7.12 -25.12 3.20
N GLN B 226 7.33 -26.41 2.93
CA GLN B 226 7.52 -27.35 4.02
C GLN B 226 8.80 -27.03 4.78
N LYS B 227 9.87 -26.73 4.03
CA LYS B 227 11.16 -26.35 4.59
C LYS B 227 11.10 -25.03 5.37
N VAL B 228 10.32 -24.06 4.88
CA VAL B 228 10.07 -22.80 5.59
C VAL B 228 9.64 -23.11 7.03
N LEU B 229 8.65 -23.99 7.20
CA LEU B 229 8.29 -24.43 8.56
C LEU B 229 9.46 -25.09 9.27
N LYS B 230 10.11 -26.00 8.57
CA LYS B 230 11.21 -26.78 9.17
C LYS B 230 12.39 -25.88 9.51
N TYR B 231 12.74 -24.96 8.63
CA TYR B 231 13.87 -24.06 8.90
C TYR B 231 13.45 -22.73 9.59
N ALA B 232 12.22 -22.68 10.14
CA ALA B 232 11.79 -21.48 10.86
C ALA B 232 12.67 -21.24 12.08
N GLY B 233 13.24 -20.04 12.13
CA GLY B 233 14.18 -19.70 13.21
C GLY B 233 15.64 -19.81 12.81
N HIS B 234 15.90 -20.40 11.65
CA HIS B 234 17.26 -20.62 11.20
C HIS B 234 17.55 -19.71 10.03
N PRO B 235 18.85 -19.61 9.64
CA PRO B 235 19.23 -18.72 8.53
C PRO B 235 18.63 -19.25 7.20
N PRO B 236 18.75 -18.49 6.10
CA PRO B 236 18.15 -18.96 4.83
C PRO B 236 18.59 -20.36 4.41
N PHE B 237 17.77 -21.01 3.59
CA PHE B 237 18.11 -22.29 2.96
C PHE B 237 17.90 -22.23 1.45
N GLU B 238 18.62 -23.07 0.71
CA GLU B 238 18.37 -23.20 -0.73
C GLU B 238 17.40 -24.36 -0.87
N HIS B 239 16.73 -24.44 -2.01
CA HIS B 239 16.03 -25.67 -2.38
C HIS B 239 16.22 -25.79 -3.90
N SER B 240 15.50 -26.70 -4.55
CA SER B 240 15.57 -26.78 -6.00
C SER B 240 15.08 -25.43 -6.55
N PRO B 241 15.69 -24.96 -7.65
CA PRO B 241 15.28 -23.78 -8.36
C PRO B 241 13.96 -23.97 -9.05
N VAL B 242 13.42 -22.86 -9.55
CA VAL B 242 12.14 -22.82 -10.22
C VAL B 242 12.30 -21.86 -11.38
N ARG B 243 11.42 -21.97 -12.39
CA ARG B 243 11.42 -21.01 -13.51
C ARG B 243 10.30 -19.99 -13.42
N PHE B 244 10.62 -18.75 -13.79
CA PHE B 244 9.71 -17.61 -13.63
C PHE B 244 9.46 -16.96 -14.97
N CYS B 245 8.18 -16.81 -15.28
CA CYS B 245 7.74 -16.24 -16.51
C CYS B 245 7.86 -14.74 -16.51
N THR B 246 8.86 -14.24 -17.23
CA THR B 246 9.04 -12.79 -17.42
C THR B 246 7.85 -12.23 -18.18
N GLN B 247 7.70 -10.91 -18.16
CA GLN B 247 6.55 -10.23 -18.77
C GLN B 247 6.41 -10.50 -20.29
N ASN B 248 7.53 -10.72 -20.99
CA ASN B 248 7.41 -10.89 -22.42
C ASN B 248 6.90 -12.28 -22.86
N GLY B 249 6.86 -13.22 -21.93
CA GLY B 249 6.44 -14.61 -22.25
C GLY B 249 7.48 -15.66 -21.90
N GLU B 250 8.76 -15.34 -22.06
CA GLU B 250 9.87 -16.28 -21.83
C GLU B 250 10.25 -16.50 -20.34
N TYR B 251 10.72 -17.69 -19.98
CA TYR B 251 11.02 -17.96 -18.57
C TYR B 251 12.50 -17.79 -18.29
N VAL B 252 12.83 -17.54 -17.02
CA VAL B 252 14.23 -17.58 -16.58
C VAL B 252 14.34 -18.50 -15.36
N ILE B 253 15.53 -19.05 -15.12
CA ILE B 253 15.75 -19.84 -13.92
C ILE B 253 16.11 -18.92 -12.78
N LEU B 254 15.46 -19.16 -11.65
CA LEU B 254 15.77 -18.44 -10.45
C LEU B 254 16.44 -19.35 -9.45
N ASP B 255 17.63 -18.94 -8.99
CA ASP B 255 18.32 -19.61 -7.88
C ASP B 255 18.08 -18.77 -6.70
N SER B 256 17.52 -19.35 -5.63
CA SER B 256 17.03 -18.54 -4.53
C SER B 256 17.45 -19.06 -3.19
N SER B 257 17.39 -18.20 -2.16
CA SER B 257 17.36 -18.65 -0.75
C SER B 257 16.04 -18.14 -0.21
N TRP B 258 15.48 -18.86 0.75
CA TRP B 258 14.24 -18.52 1.40
C TRP B 258 14.42 -18.38 2.90
N SER B 259 13.55 -17.57 3.49
CA SER B 259 13.34 -17.65 4.93
C SER B 259 11.94 -17.16 5.20
N SER B 260 11.66 -16.81 6.44
CA SER B 260 10.34 -16.40 6.81
C SER B 260 10.37 -15.51 8.06
N PHE B 261 9.27 -14.78 8.28
CA PHE B 261 9.02 -14.07 9.52
C PHE B 261 7.83 -14.72 10.23
N VAL B 262 8.08 -15.17 11.45
CA VAL B 262 7.07 -15.78 12.28
C VAL B 262 6.53 -14.71 13.21
N ASN B 263 5.22 -14.61 13.29
CA ASN B 263 4.60 -13.71 14.23
C ASN B 263 5.09 -14.12 15.62
N PRO B 264 5.61 -13.16 16.41
CA PRO B 264 6.10 -13.67 17.68
C PRO B 264 4.99 -14.10 18.66
N TRP B 265 3.73 -13.74 18.44
CA TRP B 265 2.73 -14.15 19.48
C TRP B 265 1.87 -15.35 19.09
N SER B 266 1.25 -15.27 17.91
CA SER B 266 0.50 -16.35 17.35
C SER B 266 1.53 -17.04 16.54
N ARG B 267 2.03 -18.16 17.05
CA ARG B 267 3.32 -18.68 16.56
C ARG B 267 3.32 -19.18 15.08
N LYS B 268 2.60 -18.46 14.20
CA LYS B 268 2.39 -18.86 12.80
C LYS B 268 3.13 -17.96 11.80
N VAL B 269 3.61 -18.57 10.73
CA VAL B 269 4.37 -17.85 9.71
C VAL B 269 3.63 -16.61 9.20
N SER B 270 4.29 -15.47 9.20
CA SER B 270 3.60 -14.25 8.81
C SER B 270 3.86 -13.89 7.37
N PHE B 271 5.09 -14.07 6.91
CA PHE B 271 5.37 -13.92 5.50
C PHE B 271 6.60 -14.69 5.15
N ILE B 272 6.84 -14.86 3.84
CA ILE B 272 7.97 -15.65 3.32
C ILE B 272 8.73 -14.71 2.43
N ILE B 273 10.07 -14.70 2.59
CA ILE B 273 10.99 -13.82 1.87
C ILE B 273 11.91 -14.67 1.01
N GLY B 274 12.10 -14.26 -0.24
CA GLY B 274 13.09 -14.88 -1.08
C GLY B 274 14.04 -13.89 -1.69
N ARG B 275 15.31 -14.26 -1.71
CA ARG B 275 16.29 -13.55 -2.52
C ARG B 275 16.63 -14.44 -3.72
N HIS B 276 16.51 -13.87 -4.91
CA HIS B 276 16.57 -14.64 -6.14
C HIS B 276 17.66 -14.10 -7.06
N LYS B 277 18.22 -15.00 -7.86
CA LYS B 277 19.27 -14.60 -8.78
C LYS B 277 18.99 -15.27 -10.08
N VAL B 278 18.70 -14.48 -11.11
CA VAL B 278 18.48 -15.09 -12.40
C VAL B 278 19.78 -15.70 -12.90
N ARG B 279 19.69 -16.94 -13.37
CA ARG B 279 20.87 -17.62 -13.87
C ARG B 279 21.15 -17.18 -15.31
N THR B 280 20.09 -16.94 -16.06
CA THR B 280 20.16 -17.10 -17.48
C THR B 280 19.30 -16.11 -18.20
N SER B 281 19.86 -15.37 -19.15
CA SER B 281 19.08 -14.44 -19.96
C SER B 281 17.87 -15.10 -20.60
N PRO B 282 16.76 -14.36 -20.72
CA PRO B 282 15.62 -14.97 -21.41
C PRO B 282 15.81 -14.99 -22.94
N LEU B 283 15.03 -15.85 -23.60
CA LEU B 283 15.02 -15.99 -25.07
C LEU B 283 14.92 -14.65 -25.82
N ASN B 284 13.97 -13.81 -25.39
CA ASN B 284 13.87 -12.43 -25.86
C ASN B 284 14.78 -11.48 -25.06
N GLU B 285 15.44 -10.53 -25.73
CA GLU B 285 16.39 -9.60 -25.05
C GLU B 285 15.59 -8.68 -24.15
N ASP B 286 14.67 -7.95 -24.78
CA ASP B 286 13.84 -6.96 -24.17
C ASP B 286 12.81 -7.68 -23.35
N VAL B 287 12.98 -7.63 -22.04
CA VAL B 287 12.03 -8.20 -21.11
C VAL B 287 10.77 -7.33 -21.10
N PHE B 288 10.85 -6.17 -21.74
CA PHE B 288 9.72 -5.26 -21.84
C PHE B 288 8.95 -5.40 -23.14
N ALA B 289 9.43 -6.23 -24.06
CA ALA B 289 8.85 -6.29 -25.40
C ALA B 289 7.46 -6.93 -25.44
N THR B 290 6.77 -6.66 -26.54
CA THR B 290 5.30 -6.78 -26.68
C THR B 290 4.56 -7.94 -26.02
N ARG B 291 5.18 -9.12 -25.94
CA ARG B 291 4.55 -10.25 -25.26
C ARG B 291 3.42 -10.86 -26.09
N ILE B 292 3.49 -12.17 -26.29
CA ILE B 292 2.64 -12.83 -27.29
C ILE B 292 1.51 -13.70 -26.70
N LYS B 293 1.86 -14.78 -26.02
CA LYS B 293 0.81 -15.74 -25.60
C LYS B 293 0.06 -15.31 -24.35
N LYS B 294 -0.83 -14.35 -24.53
CA LYS B 294 -1.65 -13.80 -23.45
C LYS B 294 -3.12 -13.86 -23.86
N ASN B 298 -5.61 -17.23 -20.54
CA ASN B 298 -6.17 -17.87 -19.34
C ASN B 298 -5.32 -19.04 -18.82
N ASP B 299 -5.59 -19.42 -17.56
CA ASP B 299 -4.99 -20.58 -16.84
C ASP B 299 -5.30 -20.58 -15.33
N LYS B 300 -5.82 -21.71 -14.84
CA LYS B 300 -6.01 -21.96 -13.42
C LYS B 300 -5.20 -23.20 -12.97
N ASP B 301 -5.81 -24.12 -12.21
CA ASP B 301 -5.10 -25.29 -11.62
C ASP B 301 -4.12 -24.89 -10.50
N ILE B 302 -4.18 -23.62 -10.10
CA ILE B 302 -3.31 -23.02 -9.10
C ILE B 302 -3.97 -23.11 -7.71
N ALA B 303 -5.26 -22.82 -7.69
CA ALA B 303 -6.03 -22.60 -6.45
C ALA B 303 -5.89 -23.70 -5.44
N GLU B 304 -5.95 -24.95 -5.91
CA GLU B 304 -5.77 -26.11 -5.02
C GLU B 304 -4.38 -26.07 -4.38
N LEU B 305 -3.37 -25.78 -5.19
CA LEU B 305 -1.99 -25.68 -4.72
C LEU B 305 -1.88 -24.66 -3.57
N GLN B 306 -2.50 -23.50 -3.73
CA GLN B 306 -2.42 -22.49 -2.75
C GLN B 306 -3.19 -22.80 -1.47
N GLU B 307 -4.30 -23.53 -1.57
CA GLU B 307 -4.98 -24.03 -0.37
C GLU B 307 -4.06 -24.99 0.39
N GLN B 308 -3.31 -25.79 -0.36
CA GLN B 308 -2.42 -26.76 0.26
C GLN B 308 -1.29 -25.99 0.99
N ILE B 309 -0.61 -25.09 0.28
CA ILE B 309 0.38 -24.25 0.90
C ILE B 309 -0.25 -23.59 2.13
N HIS B 310 -1.37 -22.88 1.91
CA HIS B 310 -1.99 -22.14 3.02
C HIS B 310 -2.38 -23.03 4.19
N LYS B 311 -2.91 -24.22 3.92
CA LYS B 311 -3.24 -25.18 4.99
C LYS B 311 -1.99 -25.61 5.77
N LEU B 312 -0.94 -25.97 5.05
CA LEU B 312 0.25 -26.51 5.73
C LEU B 312 0.96 -25.44 6.55
N LEU B 313 0.85 -24.18 6.09
CA LEU B 313 1.47 -23.01 6.71
C LEU B 313 0.72 -22.53 7.95
N LEU B 314 -0.42 -23.15 8.23
CA LEU B 314 -1.11 -23.01 9.51
C LEU B 314 -0.39 -23.61 10.72
N GLN B 315 0.54 -24.55 10.54
CA GLN B 315 1.20 -25.15 11.72
C GLN B 315 1.97 -24.14 12.58
N PRO B 316 1.58 -24.01 13.86
CA PRO B 316 2.41 -23.13 14.66
C PRO B 316 3.80 -23.73 14.82
N VAL B 317 4.82 -22.88 14.86
CA VAL B 317 6.19 -23.29 15.10
C VAL B 317 6.80 -22.42 16.21
#